data_5NJ2
#
_entry.id   5NJ2
#
_cell.length_a   39.591
_cell.length_b   41.683
_cell.length_c   76.841
_cell.angle_alpha   101.28
_cell.angle_beta   90.11
_cell.angle_gamma   90.43
#
_symmetry.space_group_name_H-M   'P 1'
#
loop_
_entity.id
_entity.type
_entity.pdbx_description
1 polymer Beta-lactamase
2 non-polymer 'PHOSPHATE ION'
3 non-polymer 'ACETATE ION'
4 non-polymer 2-{2-[2-2-(METHOXY-ETHOXY)-ETHOXY]-ETHOXY}-ETHANOL
5 non-polymer 3,6,9,12,15-PENTAOXAHEPTADECAN-1-OL
6 water water
#
_entity_poly.entity_id   1
_entity_poly.type   'polypeptide(L)'
_entity_poly.pdbx_seq_one_letter_code
;MDLADRFAELERRYDARLGVYVPATGTTAAIEYRADERFAFCSTFKAPLVAAVLHQNPLTHLDKLITYTSDDIRSISPVA
QQHVQTGMTIGQLCDAAIRYSDGTAANLLLADLGGPGGGTAAFTGYLRSLGDTVSRLDAEEPELNRDPPGDERDTTTPHA
IALVLQQLVLGNALPPDKRALLTDWMARNTTGAKRIRAGFPADWKVIDKTGTGDYGRANDIAVVWSPTGVPYVVAVMSDR
AGGGYDAEPREALLAEAATCVAGVLALEHHHHHH
;
_entity_poly.pdbx_strand_id   A,B
#
# COMPACT_ATOMS: atom_id res chain seq x y z
N LEU A 3 -27.17 -11.07 -3.17
CA LEU A 3 -26.21 -10.71 -4.29
C LEU A 3 -26.00 -11.80 -5.39
N ALA A 4 -25.93 -13.06 -4.98
CA ALA A 4 -25.89 -14.14 -5.91
C ALA A 4 -27.16 -14.18 -6.80
N ASP A 5 -28.32 -13.87 -6.21
CA ASP A 5 -29.56 -13.82 -6.97
C ASP A 5 -29.46 -12.67 -8.01
N ARG A 6 -28.88 -11.55 -7.62
CA ARG A 6 -28.73 -10.42 -8.58
C ARG A 6 -27.81 -10.76 -9.72
N PHE A 7 -26.70 -11.45 -9.42
CA PHE A 7 -25.79 -11.94 -10.49
C PHE A 7 -26.43 -12.98 -11.41
N ALA A 8 -27.26 -13.84 -10.84
CA ALA A 8 -27.90 -14.80 -11.65
C ALA A 8 -28.91 -14.16 -12.61
N GLU A 9 -29.56 -13.08 -12.18
CA GLU A 9 -30.47 -12.39 -13.05
C GLU A 9 -29.70 -11.72 -14.22
N LEU A 10 -28.49 -11.19 -13.93
CA LEU A 10 -27.68 -10.67 -15.02
C LEU A 10 -27.39 -11.73 -16.03
N GLU A 11 -27.06 -12.94 -15.58
CA GLU A 11 -26.82 -14.09 -16.50
C GLU A 11 -27.98 -14.40 -17.38
N ARG A 12 -29.15 -14.43 -16.78
CA ARG A 12 -30.39 -14.71 -17.55
C ARG A 12 -30.63 -13.64 -18.58
N ARG A 13 -30.59 -12.36 -18.16
CA ARG A 13 -30.94 -11.28 -19.06
C ARG A 13 -29.98 -11.14 -20.22
N TYR A 14 -28.68 -11.40 -19.99
CA TYR A 14 -27.69 -11.24 -21.05
C TYR A 14 -27.37 -12.60 -21.75
N ASP A 15 -28.07 -13.68 -21.37
CA ASP A 15 -27.72 -15.02 -21.86
C ASP A 15 -26.22 -15.22 -21.80
N ALA A 16 -25.70 -15.12 -20.62
CA ALA A 16 -24.23 -15.10 -20.42
C ALA A 16 -23.88 -15.89 -19.16
N ARG A 17 -22.61 -16.28 -19.05
CA ARG A 17 -22.03 -16.80 -17.83
C ARG A 17 -21.09 -15.68 -17.27
N LEU A 18 -21.29 -15.38 -16.01
CA LEU A 18 -20.61 -14.33 -15.29
C LEU A 18 -19.79 -14.85 -14.17
N GLY A 19 -18.55 -14.33 -14.01
CA GLY A 19 -17.72 -14.65 -12.89
C GLY A 19 -17.23 -13.37 -12.22
N VAL A 20 -17.31 -13.35 -10.91
CA VAL A 20 -16.97 -12.15 -10.13
C VAL A 20 -16.15 -12.53 -8.94
N TYR A 21 -15.07 -11.77 -8.68
CA TYR A 21 -14.33 -11.94 -7.40
C TYR A 21 -13.84 -10.58 -6.93
N VAL A 22 -14.15 -10.33 -5.67
CA VAL A 22 -13.59 -9.24 -4.88
C VAL A 22 -13.03 -9.84 -3.58
N PRO A 23 -11.70 -9.79 -3.42
CA PRO A 23 -11.16 -10.35 -2.18
C PRO A 23 -11.76 -9.71 -0.94
N ALA A 24 -11.90 -10.48 0.17
CA ALA A 24 -12.18 -9.92 1.45
C ALA A 24 -11.10 -8.94 1.92
N THR A 25 -11.57 -8.05 2.74
CA THR A 25 -10.67 -7.12 3.41
C THR A 25 -10.89 -7.28 4.87
N GLY A 26 -10.05 -6.58 5.63
CA GLY A 26 -10.24 -6.49 7.06
C GLY A 26 -11.64 -6.12 7.49
N THR A 27 -12.38 -5.38 6.69
CA THR A 27 -13.75 -4.95 6.98
C THR A 27 -14.90 -5.33 5.99
N THR A 28 -14.61 -6.12 4.95
CA THR A 28 -15.62 -6.48 3.95
C THR A 28 -15.44 -7.93 3.61
N ALA A 29 -16.55 -8.63 3.41
CA ALA A 29 -16.49 -10.04 3.11
C ALA A 29 -16.13 -10.18 1.59
N ALA A 30 -15.59 -11.31 1.24
CA ALA A 30 -15.33 -11.56 -0.21
C ALA A 30 -16.64 -11.60 -0.96
N ILE A 31 -16.59 -11.11 -2.20
CA ILE A 31 -17.71 -11.28 -3.12
C ILE A 31 -17.28 -12.28 -4.15
N GLU A 32 -18.00 -13.41 -4.26
CA GLU A 32 -17.56 -14.56 -5.09
C GLU A 32 -18.72 -15.07 -5.89
N TYR A 33 -18.68 -15.12 -7.21
CA TYR A 33 -19.72 -15.71 -8.01
C TYR A 33 -19.03 -16.41 -9.14
N ARG A 34 -19.18 -17.73 -9.24
CA ARG A 34 -18.37 -18.54 -10.19
C ARG A 34 -16.88 -18.21 -10.07
N ALA A 35 -16.41 -17.95 -8.88
CA ALA A 35 -15.06 -17.40 -8.75
C ALA A 35 -13.98 -18.41 -9.04
N ASP A 36 -14.26 -19.73 -8.96
CA ASP A 36 -13.31 -20.76 -9.32
C ASP A 36 -13.59 -21.43 -10.63
N GLU A 37 -14.52 -20.91 -11.42
CA GLU A 37 -14.71 -21.37 -12.78
C GLU A 37 -13.69 -20.72 -13.67
N ARG A 38 -13.26 -21.42 -14.73
CA ARG A 38 -12.30 -20.91 -15.68
C ARG A 38 -12.99 -20.05 -16.71
N PHE A 39 -12.36 -18.97 -17.06
CA PHE A 39 -12.73 -18.08 -18.14
C PHE A 39 -11.44 -17.76 -18.94
N ALA A 40 -11.58 -17.58 -20.24
CA ALA A 40 -10.46 -17.17 -21.04
C ALA A 40 -9.89 -15.82 -20.51
N PHE A 41 -8.58 -15.70 -20.44
CA PHE A 41 -7.92 -14.43 -20.09
C PHE A 41 -8.30 -13.33 -21.07
N CYS A 42 -8.31 -13.66 -22.35
CA CYS A 42 -8.27 -12.64 -23.41
C CYS A 42 -7.20 -11.67 -23.03
N SER A 43 -7.36 -10.39 -23.29
CA SER A 43 -6.28 -9.43 -23.06
C SER A 43 -5.93 -9.15 -21.60
N THR A 44 -6.68 -9.69 -20.63
CA THR A 44 -6.38 -9.39 -19.26
C THR A 44 -4.96 -9.81 -18.88
N PHE A 45 -4.39 -10.81 -19.58
CA PHE A 45 -3.05 -11.26 -19.30
C PHE A 45 -1.98 -10.19 -19.51
N LYS A 46 -2.33 -9.17 -20.25
CA LYS A 46 -1.30 -8.19 -20.67
C LYS A 46 -0.82 -7.39 -19.44
N ALA A 47 -1.66 -7.22 -18.39
CA ALA A 47 -1.23 -6.55 -17.19
C ALA A 47 -0.20 -7.31 -16.42
N PRO A 48 -0.45 -8.57 -16.04
CA PRO A 48 0.62 -9.31 -15.38
C PRO A 48 1.82 -9.56 -16.30
N LEU A 49 1.64 -9.56 -17.62
CA LEU A 49 2.77 -9.70 -18.57
C LEU A 49 3.68 -8.51 -18.39
N VAL A 50 3.15 -7.32 -18.34
CA VAL A 50 4.00 -6.15 -18.11
C VAL A 50 4.72 -6.26 -16.79
N ALA A 51 4.00 -6.71 -15.76
CA ALA A 51 4.66 -6.89 -14.49
C ALA A 51 5.81 -7.89 -14.57
N ALA A 52 5.66 -8.97 -15.32
CA ALA A 52 6.71 -9.95 -15.45
C ALA A 52 7.97 -9.33 -16.04
N VAL A 53 7.81 -8.57 -17.10
CA VAL A 53 8.93 -7.88 -17.78
C VAL A 53 9.52 -6.88 -16.83
N LEU A 54 8.70 -6.06 -16.17
CA LEU A 54 9.24 -5.10 -15.19
C LEU A 54 10.06 -5.80 -14.14
N HIS A 55 9.51 -6.87 -13.56
CA HIS A 55 10.16 -7.54 -12.45
C HIS A 55 11.53 -8.07 -12.79
N GLN A 56 11.68 -8.68 -13.90
CA GLN A 56 12.87 -9.40 -14.27
C GLN A 56 14.03 -8.49 -14.77
N ASN A 57 13.79 -7.23 -14.97
CA ASN A 57 14.78 -6.35 -15.61
C ASN A 57 14.95 -5.09 -14.85
N PRO A 58 16.14 -4.47 -14.91
CA PRO A 58 16.24 -3.06 -14.45
C PRO A 58 15.38 -2.10 -15.23
N LEU A 59 15.06 -0.94 -14.67
CA LEU A 59 14.25 0.05 -15.38
C LEU A 59 14.90 0.49 -16.70
N THR A 60 16.22 0.45 -16.78
CA THR A 60 16.91 0.83 -18.02
C THR A 60 16.46 -0.08 -19.19
N HIS A 61 15.95 -1.29 -18.93
CA HIS A 61 15.47 -2.16 -20.01
C HIS A 61 14.25 -1.57 -20.71
N LEU A 62 13.55 -0.64 -20.10
CA LEU A 62 12.43 0.04 -20.72
C LEU A 62 12.85 0.82 -21.94
N ASP A 63 14.13 1.22 -21.99
CA ASP A 63 14.65 2.01 -23.10
C ASP A 63 15.04 1.15 -24.27
N LYS A 64 15.08 -0.14 -24.19
CA LYS A 64 15.53 -1.00 -25.26
C LYS A 64 14.61 -0.94 -26.45
N LEU A 65 15.13 -0.64 -27.66
CA LEU A 65 14.28 -0.51 -28.87
C LEU A 65 14.05 -1.84 -29.45
N ILE A 66 12.79 -2.20 -29.68
CA ILE A 66 12.41 -3.39 -30.37
C ILE A 66 11.90 -3.07 -31.79
N THR A 67 12.44 -3.73 -32.79
CA THR A 67 12.01 -3.54 -34.17
C THR A 67 11.20 -4.77 -34.57
N TYR A 68 10.22 -4.55 -35.41
CA TYR A 68 9.30 -5.55 -35.84
C TYR A 68 8.76 -5.18 -37.20
N THR A 69 7.96 -6.07 -37.79
CA THR A 69 7.48 -5.84 -39.16
C THR A 69 6.00 -5.91 -39.21
N SER A 70 5.47 -5.49 -40.37
CA SER A 70 4.08 -5.57 -40.64
C SER A 70 3.60 -7.01 -40.50
N ASP A 71 4.44 -7.99 -40.82
CA ASP A 71 4.11 -9.38 -40.60
C ASP A 71 3.88 -9.86 -39.19
N ASP A 72 4.50 -9.21 -38.21
CA ASP A 72 4.21 -9.47 -36.79
C ASP A 72 2.81 -8.93 -36.32
N ILE A 73 2.14 -8.10 -37.15
CA ILE A 73 0.90 -7.49 -36.73
C ILE A 73 -0.23 -8.38 -37.14
N ARG A 74 -0.62 -9.27 -36.26
CA ARG A 74 -1.63 -10.32 -36.59
C ARG A 74 -2.84 -10.21 -35.65
N SER A 75 -2.99 -9.13 -34.91
CA SER A 75 -4.06 -8.86 -34.00
C SER A 75 -4.26 -7.37 -33.90
N ILE A 76 -5.33 -6.93 -33.25
CA ILE A 76 -5.62 -5.54 -33.12
C ILE A 76 -4.49 -4.89 -32.30
N SER A 77 -3.83 -3.90 -32.93
CA SER A 77 -2.60 -3.31 -32.47
C SER A 77 -2.54 -1.85 -32.81
N PRO A 78 -3.36 -1.05 -32.10
CA PRO A 78 -3.52 0.37 -32.41
C PRO A 78 -2.23 1.13 -32.39
N VAL A 79 -1.35 0.82 -31.46
CA VAL A 79 -0.12 1.58 -31.31
C VAL A 79 1.00 0.94 -32.13
N ALA A 80 1.11 -0.38 -32.14
CA ALA A 80 2.18 -1.01 -32.93
C ALA A 80 2.07 -0.69 -34.42
N GLN A 81 0.86 -0.56 -34.95
CA GLN A 81 0.72 -0.19 -36.37
C GLN A 81 1.30 1.23 -36.66
N GLN A 82 1.15 2.12 -35.74
CA GLN A 82 1.67 3.47 -35.87
C GLN A 82 3.18 3.53 -35.80
N HIS A 83 3.84 2.57 -35.12
CA HIS A 83 5.29 2.61 -34.91
C HIS A 83 6.00 1.51 -35.64
N VAL A 84 5.34 0.86 -36.61
CA VAL A 84 5.93 -0.25 -37.28
C VAL A 84 7.26 0.03 -37.97
N GLN A 85 7.39 1.23 -38.50
CA GLN A 85 8.61 1.53 -39.25
C GLN A 85 9.77 1.94 -38.39
N THR A 86 9.52 2.55 -37.22
CA THR A 86 10.58 3.08 -36.36
C THR A 86 10.84 2.25 -35.09
N GLY A 87 10.00 1.28 -34.81
CA GLY A 87 10.15 0.43 -33.60
C GLY A 87 9.50 1.04 -32.39
N MET A 88 9.50 0.24 -31.33
CA MET A 88 9.00 0.68 -30.04
C MET A 88 9.95 0.20 -28.95
N THR A 89 10.11 1.03 -27.94
CA THR A 89 10.89 0.60 -26.78
C THR A 89 10.04 -0.37 -25.97
N ILE A 90 10.75 -1.12 -25.13
CA ILE A 90 10.07 -2.01 -24.15
C ILE A 90 9.07 -1.19 -23.34
N GLY A 91 9.41 0.02 -22.89
CA GLY A 91 8.48 0.84 -22.18
C GLY A 91 7.27 1.26 -22.96
N GLN A 92 7.48 1.63 -24.21
CA GLN A 92 6.40 1.92 -25.07
C GLN A 92 5.50 0.71 -25.35
N LEU A 93 6.08 -0.48 -25.42
CA LEU A 93 5.34 -1.75 -25.59
C LEU A 93 4.46 -2.03 -24.35
N CYS A 94 5.00 -1.78 -23.17
CA CYS A 94 4.22 -2.00 -21.93
C CYS A 94 3.04 -1.06 -21.89
N ASP A 95 3.32 0.22 -22.21
CA ASP A 95 2.28 1.27 -22.26
C ASP A 95 1.16 0.83 -23.20
N ALA A 96 1.53 0.41 -24.40
CA ALA A 96 0.57 0.03 -25.42
C ALA A 96 -0.23 -1.20 -25.04
N ALA A 97 0.47 -2.20 -24.52
CA ALA A 97 -0.12 -3.48 -24.18
C ALA A 97 -1.23 -3.27 -23.17
N ILE A 98 -0.99 -2.36 -22.21
CA ILE A 98 -2.01 -2.05 -21.21
C ILE A 98 -3.05 -1.07 -21.71
N ARG A 99 -2.60 0.11 -22.08
CA ARG A 99 -3.52 1.23 -22.33
C ARG A 99 -4.35 1.14 -23.59
N TYR A 100 -3.84 0.45 -24.58
CA TYR A 100 -4.55 0.22 -25.84
C TYR A 100 -4.80 -1.21 -26.13
N SER A 101 -4.51 -2.07 -25.15
CA SER A 101 -4.67 -3.49 -25.30
C SER A 101 -3.99 -4.02 -26.59
N ASP A 102 -2.79 -3.52 -26.85
CA ASP A 102 -2.16 -3.81 -28.14
C ASP A 102 -1.67 -5.23 -28.18
N GLY A 103 -2.13 -6.00 -29.16
CA GLY A 103 -1.78 -7.41 -29.21
C GLY A 103 -0.41 -7.69 -29.70
N THR A 104 0.07 -6.89 -30.65
CA THR A 104 1.47 -7.05 -31.13
C THR A 104 2.41 -6.68 -30.00
N ALA A 105 2.10 -5.61 -29.29
CA ALA A 105 2.93 -5.20 -28.15
C ALA A 105 3.03 -6.38 -27.17
N ALA A 106 1.91 -7.00 -26.90
CA ALA A 106 1.91 -8.13 -25.99
C ALA A 106 2.77 -9.26 -26.53
N ASN A 107 2.64 -9.61 -27.81
CA ASN A 107 3.42 -10.69 -28.35
C ASN A 107 4.91 -10.36 -28.31
N LEU A 108 5.27 -9.12 -28.56
CA LEU A 108 6.69 -8.74 -28.43
C LEU A 108 7.23 -8.84 -27.02
N LEU A 109 6.38 -8.50 -26.02
CA LEU A 109 6.73 -8.61 -24.64
C LEU A 109 6.87 -10.09 -24.27
N LEU A 110 6.01 -10.95 -24.74
CA LEU A 110 6.14 -12.37 -24.52
C LEU A 110 7.49 -12.87 -25.04
N ALA A 111 7.89 -12.40 -26.22
CA ALA A 111 9.18 -12.81 -26.77
C ALA A 111 10.32 -12.23 -25.97
N ASP A 112 10.19 -11.00 -25.48
CA ASP A 112 11.20 -10.45 -24.59
C ASP A 112 11.36 -11.28 -23.34
N LEU A 113 10.26 -11.77 -22.79
CA LEU A 113 10.29 -12.51 -21.51
C LEU A 113 10.85 -13.92 -21.72
N GLY A 114 10.40 -14.66 -22.72
CA GLY A 114 10.75 -16.07 -22.88
C GLY A 114 11.38 -16.50 -24.16
N GLY A 115 11.74 -15.54 -24.99
CA GLY A 115 12.31 -15.87 -26.33
C GLY A 115 11.24 -16.25 -27.30
N PRO A 116 11.60 -16.31 -28.60
CA PRO A 116 10.56 -16.67 -29.59
C PRO A 116 9.70 -17.90 -29.23
N GLY A 117 10.28 -19.03 -28.88
CA GLY A 117 9.41 -20.18 -28.58
C GLY A 117 8.70 -20.23 -27.21
N GLY A 118 9.15 -19.40 -26.31
CA GLY A 118 9.03 -19.68 -24.91
C GLY A 118 8.19 -18.66 -24.16
N GLY A 119 7.62 -17.68 -24.80
CA GLY A 119 7.00 -16.60 -24.04
C GLY A 119 5.75 -17.00 -23.29
N THR A 120 4.89 -17.84 -23.83
CA THR A 120 3.70 -18.23 -23.07
C THR A 120 4.01 -19.06 -21.85
N ALA A 121 5.01 -19.95 -21.98
CA ALA A 121 5.45 -20.70 -20.82
C ALA A 121 6.05 -19.82 -19.78
N ALA A 122 6.87 -18.87 -20.21
CA ALA A 122 7.51 -17.98 -19.29
C ALA A 122 6.51 -17.07 -18.56
N PHE A 123 5.49 -16.60 -19.29
CA PHE A 123 4.46 -15.81 -18.64
C PHE A 123 3.71 -16.64 -17.61
N THR A 124 3.33 -17.83 -17.98
CA THR A 124 2.71 -18.76 -17.04
C THR A 124 3.58 -18.97 -15.80
N GLY A 125 4.88 -19.09 -16.04
CA GLY A 125 5.83 -19.23 -14.96
C GLY A 125 5.93 -18.05 -14.05
N TYR A 126 5.72 -16.86 -14.53
CA TYR A 126 5.64 -15.69 -13.67
C TYR A 126 4.48 -15.83 -12.74
N LEU A 127 3.34 -16.20 -13.28
CA LEU A 127 2.19 -16.47 -12.39
C LEU A 127 2.48 -17.52 -11.35
N ARG A 128 3.15 -18.64 -11.77
CA ARG A 128 3.54 -19.68 -10.80
C ARG A 128 4.45 -19.11 -9.73
N SER A 129 5.30 -18.16 -10.06
CA SER A 129 6.21 -17.56 -9.10
C SER A 129 5.48 -16.73 -8.08
N LEU A 130 4.28 -16.23 -8.41
CA LEU A 130 3.38 -15.56 -7.53
C LEU A 130 2.48 -16.50 -6.76
N GLY A 131 2.61 -17.78 -6.90
CA GLY A 131 1.76 -18.71 -6.23
C GLY A 131 0.48 -19.05 -6.88
N ASP A 132 0.26 -18.62 -8.13
CA ASP A 132 -0.93 -18.99 -8.88
C ASP A 132 -0.66 -20.28 -9.65
N THR A 133 -1.29 -21.39 -9.23
CA THR A 133 -1.10 -22.65 -9.87
C THR A 133 -2.20 -22.96 -10.84
N VAL A 134 -3.13 -22.03 -10.98
CA VAL A 134 -4.36 -22.26 -11.75
C VAL A 134 -4.30 -21.72 -13.17
N SER A 135 -3.88 -20.48 -13.30
CA SER A 135 -3.95 -19.85 -14.61
C SER A 135 -2.99 -20.44 -15.60
N ARG A 136 -3.27 -20.36 -16.89
CA ARG A 136 -2.28 -20.79 -17.87
C ARG A 136 -2.45 -20.01 -19.15
N LEU A 137 -1.33 -19.74 -19.80
CA LEU A 137 -1.37 -19.12 -21.16
C LEU A 137 -0.62 -20.10 -22.04
N ASP A 138 -1.26 -20.37 -23.20
CA ASP A 138 -0.78 -21.42 -24.14
C ASP A 138 -0.56 -20.90 -25.49
N ALA A 139 -1.18 -19.88 -25.87
CA ALA A 139 -1.10 -19.25 -27.22
C ALA A 139 -0.84 -17.77 -27.09
N GLU A 140 -0.37 -17.16 -28.18
CA GLU A 140 -0.19 -15.72 -28.25
C GLU A 140 -1.37 -15.07 -28.92
N GLU A 141 -1.30 -13.75 -29.11
CA GLU A 141 -2.42 -13.07 -29.79
C GLU A 141 -2.33 -13.32 -31.29
N PRO A 142 -3.45 -13.56 -31.96
CA PRO A 142 -4.85 -13.58 -31.47
C PRO A 142 -5.41 -14.92 -31.10
N GLU A 143 -4.63 -15.96 -31.28
CA GLU A 143 -5.12 -17.34 -31.04
C GLU A 143 -5.62 -17.59 -29.65
N LEU A 144 -5.08 -16.85 -28.66
CA LEU A 144 -5.53 -17.10 -27.25
C LEU A 144 -6.96 -16.70 -26.99
N ASN A 145 -7.60 -16.00 -27.94
CA ASN A 145 -9.02 -15.60 -27.77
C ASN A 145 -9.99 -16.61 -28.29
N ARG A 146 -9.49 -17.69 -28.90
CA ARG A 146 -10.28 -18.54 -29.78
C ARG A 146 -10.51 -19.95 -29.28
N ASP A 147 -10.04 -20.33 -28.10
CA ASP A 147 -10.23 -21.70 -27.63
C ASP A 147 -11.73 -21.93 -27.38
N PRO A 148 -12.24 -23.12 -27.54
CA PRO A 148 -13.66 -23.28 -27.29
C PRO A 148 -14.01 -23.15 -25.80
N PRO A 149 -15.28 -22.84 -25.48
CA PRO A 149 -15.75 -22.97 -24.14
C PRO A 149 -15.34 -24.28 -23.52
N GLY A 150 -14.87 -24.31 -22.27
CA GLY A 150 -14.43 -25.48 -21.58
C GLY A 150 -12.97 -25.88 -21.73
N ASP A 151 -12.33 -25.45 -22.80
CA ASP A 151 -10.90 -25.75 -22.95
C ASP A 151 -10.17 -24.99 -21.86
N GLU A 152 -9.29 -25.64 -21.13
CA GLU A 152 -8.57 -25.00 -20.06
C GLU A 152 -7.41 -24.10 -20.56
N ARG A 153 -7.00 -24.26 -21.81
CA ARG A 153 -5.94 -23.43 -22.33
C ARG A 153 -6.32 -21.97 -22.28
N ASP A 154 -5.33 -21.13 -22.04
CA ASP A 154 -5.50 -19.70 -22.09
C ASP A 154 -6.56 -19.19 -21.07
N THR A 155 -6.71 -19.87 -19.93
CA THR A 155 -7.71 -19.52 -18.93
C THR A 155 -7.12 -19.13 -17.61
N THR A 156 -7.91 -18.31 -16.90
CA THR A 156 -7.70 -18.02 -15.48
C THR A 156 -9.03 -18.19 -14.79
N THR A 157 -9.11 -17.83 -13.53
CA THR A 157 -10.38 -17.77 -12.79
C THR A 157 -10.50 -16.38 -12.20
N PRO A 158 -11.71 -15.91 -11.90
CA PRO A 158 -11.82 -14.59 -11.23
C PRO A 158 -11.03 -14.59 -9.94
N HIS A 159 -11.12 -15.68 -9.18
CA HIS A 159 -10.26 -15.75 -7.99
CA HIS A 159 -10.28 -15.82 -7.93
C HIS A 159 -8.67 -15.60 -8.20
N ALA A 160 -8.20 -16.37 -9.22
CA ALA A 160 -6.80 -16.34 -9.49
C ALA A 160 -6.30 -15.01 -9.98
N ILE A 161 -7.00 -14.44 -10.99
CA ILE A 161 -6.52 -13.20 -11.53
C ILE A 161 -6.64 -12.03 -10.56
N ALA A 162 -7.68 -12.02 -9.75
CA ALA A 162 -7.79 -10.94 -8.77
C ALA A 162 -6.70 -11.03 -7.77
N LEU A 163 -6.34 -12.25 -7.32
CA LEU A 163 -5.29 -12.37 -6.30
C LEU A 163 -3.92 -12.06 -6.88
N VAL A 164 -3.72 -12.33 -8.17
CA VAL A 164 -2.50 -11.88 -8.84
C VAL A 164 -2.45 -10.37 -8.91
N LEU A 165 -3.55 -9.77 -9.36
CA LEU A 165 -3.53 -8.29 -9.47
C LEU A 165 -3.36 -7.63 -8.11
N GLN A 166 -3.94 -8.21 -7.07
CA GLN A 166 -3.75 -7.70 -5.73
C GLN A 166 -2.28 -7.71 -5.33
N GLN A 167 -1.56 -8.80 -5.57
CA GLN A 167 -0.15 -8.82 -5.25
C GLN A 167 0.65 -7.76 -6.02
N LEU A 168 0.29 -7.61 -7.30
CA LEU A 168 1.08 -6.69 -8.17
C LEU A 168 0.87 -5.26 -7.77
N VAL A 169 -0.37 -4.86 -7.46
CA VAL A 169 -0.70 -3.43 -7.28
C VAL A 169 -0.74 -3.07 -5.81
N LEU A 170 -1.26 -3.94 -4.96
CA LEU A 170 -1.44 -3.62 -3.55
C LEU A 170 -0.43 -4.28 -2.68
N GLY A 171 0.18 -5.41 -3.09
CA GLY A 171 1.21 -6.09 -2.29
C GLY A 171 2.61 -5.79 -2.72
N ASN A 172 3.54 -6.66 -2.32
CA ASN A 172 4.94 -6.38 -2.52
C ASN A 172 5.57 -7.23 -3.63
N ALA A 173 4.77 -7.66 -4.65
CA ALA A 173 5.35 -8.37 -5.78
C ALA A 173 6.30 -7.60 -6.61
N LEU A 174 6.15 -6.30 -6.65
CA LEU A 174 7.01 -5.40 -7.37
C LEU A 174 7.58 -4.34 -6.45
N PRO A 175 8.83 -3.92 -6.68
CA PRO A 175 9.34 -2.78 -5.93
C PRO A 175 8.57 -1.53 -6.25
N PRO A 176 8.58 -0.56 -5.39
CA PRO A 176 7.76 0.59 -5.59
C PRO A 176 7.85 1.32 -6.91
N ASP A 177 9.04 1.50 -7.45
CA ASP A 177 9.13 2.27 -8.71
C ASP A 177 8.49 1.53 -9.88
N LYS A 178 8.68 0.23 -9.93
CA LYS A 178 8.05 -0.60 -10.96
C LYS A 178 6.55 -0.70 -10.74
N ARG A 179 6.13 -0.91 -9.49
CA ARG A 179 4.70 -0.93 -9.16
C ARG A 179 4.02 0.36 -9.63
N ALA A 180 4.67 1.49 -9.45
CA ALA A 180 4.09 2.75 -9.83
C ALA A 180 3.90 2.83 -11.37
N LEU A 181 4.82 2.28 -12.12
CA LEU A 181 4.65 2.26 -13.56
C LEU A 181 3.45 1.43 -13.98
N LEU A 182 3.35 0.23 -13.42
CA LEU A 182 2.22 -0.63 -13.73
C LEU A 182 0.90 0.03 -13.39
N THR A 183 0.86 0.63 -12.19
CA THR A 183 -0.31 1.26 -11.67
C THR A 183 -0.75 2.42 -12.58
N ASP A 184 0.22 3.27 -12.99
CA ASP A 184 -0.11 4.41 -13.85
C ASP A 184 -0.58 4.03 -15.23
N TRP A 185 -0.01 3.00 -15.83
CA TRP A 185 -0.49 2.51 -17.10
C TRP A 185 -1.92 2.01 -17.02
N MET A 186 -2.23 1.20 -16.01
CA MET A 186 -3.58 0.80 -15.79
C MET A 186 -4.54 1.93 -15.42
N ALA A 187 -4.06 2.94 -14.72
CA ALA A 187 -4.89 4.11 -14.36
C ALA A 187 -5.30 4.85 -15.58
N ARG A 188 -4.45 4.92 -16.57
CA ARG A 188 -4.66 5.66 -17.81
C ARG A 188 -5.08 4.77 -18.94
N ASN A 189 -5.65 3.60 -18.64
CA ASN A 189 -6.15 2.73 -19.64
C ASN A 189 -7.22 3.44 -20.48
N THR A 190 -7.26 3.23 -21.76
CA THR A 190 -8.28 3.84 -22.62
C THR A 190 -9.41 2.94 -22.99
N THR A 191 -9.38 1.66 -22.67
CA THR A 191 -10.33 0.69 -23.24
C THR A 191 -11.44 0.25 -22.28
N GLY A 192 -11.47 0.81 -21.06
CA GLY A 192 -12.33 0.28 -20.03
C GLY A 192 -13.46 1.19 -19.55
N ALA A 193 -13.82 2.24 -20.33
CA ALA A 193 -14.81 3.18 -19.82
C ALA A 193 -16.17 2.57 -19.56
N LYS A 194 -16.54 1.53 -20.30
CA LYS A 194 -17.85 0.97 -20.29
C LYS A 194 -17.94 -0.29 -19.41
N ARG A 195 -16.90 -0.61 -18.64
CA ARG A 195 -16.81 -1.82 -17.85
C ARG A 195 -16.75 -1.48 -16.39
N ILE A 196 -15.73 -1.89 -15.64
CA ILE A 196 -15.77 -1.66 -14.18
C ILE A 196 -15.88 -0.17 -13.84
N ARG A 197 -15.17 0.67 -14.59
CA ARG A 197 -15.20 2.14 -14.32
CA ARG A 197 -15.20 2.15 -14.34
C ARG A 197 -16.64 2.66 -14.32
N ALA A 198 -17.46 2.15 -15.24
CA ALA A 198 -18.84 2.57 -15.32
C ALA A 198 -19.66 2.21 -14.10
N GLY A 199 -19.26 1.28 -13.27
CA GLY A 199 -19.95 0.89 -12.09
C GLY A 199 -19.60 1.62 -10.82
N PHE A 200 -18.51 2.39 -10.83
CA PHE A 200 -18.04 3.07 -9.62
C PHE A 200 -18.29 4.58 -9.70
N PRO A 201 -18.62 5.17 -8.54
CA PRO A 201 -18.76 6.64 -8.58
C PRO A 201 -17.50 7.29 -8.96
N ALA A 202 -17.57 8.49 -9.59
CA ALA A 202 -16.43 9.19 -10.12
C ALA A 202 -15.37 9.54 -9.11
N ASP A 203 -15.73 9.70 -7.84
CA ASP A 203 -14.70 9.94 -6.80
C ASP A 203 -13.94 8.73 -6.30
N TRP A 204 -14.21 7.57 -6.88
CA TRP A 204 -13.36 6.39 -6.64
C TRP A 204 -12.33 6.31 -7.74
N LYS A 205 -11.07 6.08 -7.41
CA LYS A 205 -9.99 5.87 -8.38
C LYS A 205 -10.14 4.42 -8.90
N VAL A 206 -10.12 4.28 -10.24
CA VAL A 206 -10.16 2.95 -10.87
C VAL A 206 -8.97 2.85 -11.81
N ILE A 207 -8.28 1.71 -11.74
CA ILE A 207 -7.29 1.35 -12.74
C ILE A 207 -7.75 -0.01 -13.28
N ASP A 208 -7.52 -0.30 -14.54
CA ASP A 208 -8.04 -1.57 -15.08
C ASP A 208 -7.33 -2.05 -16.32
N LYS A 209 -7.63 -3.31 -16.68
CA LYS A 209 -7.19 -3.93 -17.90
C LYS A 209 -8.34 -4.80 -18.39
N THR A 210 -8.76 -4.54 -19.61
CA THR A 210 -9.90 -5.24 -20.22
C THR A 210 -9.45 -6.50 -20.92
N GLY A 211 -10.43 -7.32 -21.33
CA GLY A 211 -10.17 -8.38 -22.33
C GLY A 211 -11.43 -8.73 -23.05
N THR A 212 -11.32 -9.05 -24.33
CA THR A 212 -12.46 -9.33 -25.19
C THR A 212 -12.04 -10.42 -26.15
N GLY A 213 -12.93 -11.33 -26.43
CA GLY A 213 -12.57 -12.43 -27.31
C GLY A 213 -13.78 -13.04 -27.97
N ASP A 214 -13.54 -14.16 -28.58
CA ASP A 214 -14.63 -14.84 -29.27
C ASP A 214 -15.56 -15.51 -28.31
N TYR A 215 -16.68 -16.05 -28.79
CA TYR A 215 -17.71 -16.63 -27.89
C TYR A 215 -18.28 -15.57 -26.93
N GLY A 216 -18.28 -14.35 -27.35
CA GLY A 216 -18.85 -13.28 -26.57
C GLY A 216 -18.11 -12.96 -25.31
N ARG A 217 -16.79 -13.21 -25.31
CA ARG A 217 -15.99 -13.02 -24.06
C ARG A 217 -15.76 -11.55 -23.81
N ALA A 218 -16.01 -11.13 -22.58
CA ALA A 218 -15.69 -9.80 -22.14
C ALA A 218 -15.35 -9.84 -20.68
N ASN A 219 -14.14 -9.32 -20.37
CA ASN A 219 -13.59 -9.28 -19.03
C ASN A 219 -13.13 -7.89 -18.66
N ASP A 220 -12.92 -7.71 -17.37
CA ASP A 220 -12.22 -6.52 -16.88
C ASP A 220 -11.66 -6.84 -15.51
N ILE A 221 -10.40 -6.47 -15.27
CA ILE A 221 -9.80 -6.59 -13.96
C ILE A 221 -9.32 -5.23 -13.50
N ALA A 222 -9.58 -4.92 -12.23
CA ALA A 222 -9.38 -3.58 -11.71
C ALA A 222 -8.89 -3.56 -10.32
N VAL A 223 -8.22 -2.48 -9.97
CA VAL A 223 -8.02 -2.07 -8.55
C VAL A 223 -8.73 -0.74 -8.40
N VAL A 224 -9.51 -0.62 -7.31
CA VAL A 224 -10.21 0.63 -7.06
C VAL A 224 -9.78 1.11 -5.68
N TRP A 225 -9.93 2.44 -5.47
CA TRP A 225 -9.70 3.04 -4.15
C TRP A 225 -10.86 3.92 -3.82
N SER A 226 -11.37 3.74 -2.61
CA SER A 226 -12.42 4.61 -2.08
C SER A 226 -11.89 6.03 -2.00
N PRO A 227 -12.85 7.03 -1.78
CA PRO A 227 -12.41 8.44 -1.66
C PRO A 227 -11.38 8.69 -0.55
N THR A 228 -11.27 7.80 0.42
CA THR A 228 -10.25 7.99 1.45
C THR A 228 -9.07 7.03 1.29
N GLY A 229 -8.97 6.34 0.17
CA GLY A 229 -7.79 5.59 -0.14
C GLY A 229 -7.87 4.15 0.27
N VAL A 230 -9.05 3.60 0.58
CA VAL A 230 -9.17 2.22 0.93
C VAL A 230 -9.30 1.38 -0.38
N PRO A 231 -8.37 0.43 -0.56
CA PRO A 231 -8.32 -0.31 -1.86
C PRO A 231 -9.08 -1.63 -1.85
N TYR A 232 -9.61 -1.93 -3.01
CA TYR A 232 -10.23 -3.20 -3.30
C TYR A 232 -9.85 -3.67 -4.70
N VAL A 233 -9.93 -4.98 -4.94
CA VAL A 233 -9.65 -5.54 -6.25
C VAL A 233 -10.94 -6.14 -6.76
N VAL A 234 -11.18 -5.95 -8.07
CA VAL A 234 -12.42 -6.39 -8.69
C VAL A 234 -12.08 -7.09 -10.02
N ALA A 235 -12.48 -8.38 -10.10
CA ALA A 235 -12.37 -9.13 -11.35
C ALA A 235 -13.76 -9.52 -11.82
N VAL A 236 -14.11 -9.16 -13.07
CA VAL A 236 -15.35 -9.58 -13.66
CA VAL A 236 -15.36 -9.56 -13.65
C VAL A 236 -15.03 -10.20 -15.01
N MET A 237 -15.53 -11.40 -15.20
CA MET A 237 -15.29 -12.17 -16.39
C MET A 237 -16.58 -12.67 -16.96
N SER A 238 -16.69 -12.74 -18.30
CA SER A 238 -17.96 -13.22 -18.87
C SER A 238 -17.76 -13.83 -20.19
N ASP A 239 -18.71 -14.70 -20.58
CA ASP A 239 -18.83 -15.19 -21.92
C ASP A 239 -20.24 -15.43 -22.27
N ARG A 240 -20.50 -15.59 -23.56
CA ARG A 240 -21.89 -15.84 -24.11
C ARG A 240 -21.81 -17.01 -25.07
N ALA A 241 -21.37 -18.17 -24.58
CA ALA A 241 -21.13 -19.29 -25.50
C ALA A 241 -22.33 -19.78 -26.34
N GLY A 242 -23.55 -19.57 -25.86
CA GLY A 242 -24.75 -19.99 -26.63
C GLY A 242 -24.92 -19.31 -27.96
N GLY A 243 -24.35 -18.15 -28.18
CA GLY A 243 -24.38 -17.48 -29.49
C GLY A 243 -23.30 -17.97 -30.44
N GLY A 244 -22.47 -18.92 -29.99
CA GLY A 244 -21.44 -19.45 -30.87
C GLY A 244 -20.20 -18.56 -30.91
N TYR A 245 -19.33 -18.87 -31.85
CA TYR A 245 -18.02 -18.24 -31.93
C TYR A 245 -18.18 -16.72 -32.11
N ASP A 246 -19.18 -16.28 -32.89
CA ASP A 246 -19.33 -14.84 -33.15
C ASP A 246 -20.41 -14.22 -32.28
N ALA A 247 -20.64 -14.82 -31.11
CA ALA A 247 -21.57 -14.19 -30.14
C ALA A 247 -21.11 -12.78 -29.76
N GLU A 248 -22.05 -11.87 -29.56
CA GLU A 248 -21.73 -10.46 -29.26
C GLU A 248 -21.30 -10.34 -27.79
N PRO A 249 -20.14 -9.77 -27.52
CA PRO A 249 -19.81 -9.48 -26.07
C PRO A 249 -20.77 -8.38 -25.61
N ARG A 250 -20.98 -8.30 -24.31
CA ARG A 250 -21.87 -7.25 -23.77
C ARG A 250 -21.24 -6.53 -22.61
N GLU A 251 -20.65 -5.37 -22.94
CA GLU A 251 -19.97 -4.58 -21.93
C GLU A 251 -20.89 -4.22 -20.78
N ALA A 252 -22.19 -3.95 -21.11
CA ALA A 252 -23.07 -3.52 -20.06
C ALA A 252 -23.27 -4.56 -18.98
N LEU A 253 -23.06 -5.84 -19.25
CA LEU A 253 -23.12 -6.88 -18.26
C LEU A 253 -22.02 -6.60 -17.18
N LEU A 254 -20.80 -6.27 -17.64
CA LEU A 254 -19.69 -5.98 -16.72
C LEU A 254 -19.96 -4.69 -15.93
N ALA A 255 -20.46 -3.65 -16.58
CA ALA A 255 -20.83 -2.44 -15.86
C ALA A 255 -21.85 -2.77 -14.78
N GLU A 256 -22.85 -3.56 -15.11
CA GLU A 256 -23.84 -3.89 -14.09
C GLU A 256 -23.26 -4.70 -12.97
N ALA A 257 -22.41 -5.72 -13.27
CA ALA A 257 -21.83 -6.51 -12.18
C ALA A 257 -20.98 -5.58 -11.30
N ALA A 258 -20.20 -4.69 -11.92
CA ALA A 258 -19.38 -3.73 -11.14
C ALA A 258 -20.24 -2.81 -10.32
N THR A 259 -21.42 -2.43 -10.84
CA THR A 259 -22.25 -1.50 -10.07
C THR A 259 -22.74 -2.23 -8.84
N CYS A 260 -23.09 -3.50 -9.00
CA CYS A 260 -23.49 -4.28 -7.81
C CYS A 260 -22.39 -4.31 -6.76
N VAL A 261 -21.18 -4.59 -7.20
CA VAL A 261 -20.03 -4.60 -6.32
C VAL A 261 -19.86 -3.24 -5.64
N ALA A 262 -19.81 -2.17 -6.41
CA ALA A 262 -19.58 -0.84 -5.85
C ALA A 262 -20.63 -0.48 -4.86
N GLY A 263 -21.88 -0.84 -5.12
CA GLY A 263 -22.97 -0.52 -4.20
C GLY A 263 -22.62 -1.14 -2.86
N VAL A 264 -22.19 -2.40 -2.77
CA VAL A 264 -21.86 -3.00 -1.52
C VAL A 264 -20.63 -2.35 -0.86
N LEU A 265 -19.58 -2.09 -1.63
CA LEU A 265 -18.35 -1.57 -1.07
C LEU A 265 -18.51 -0.16 -0.53
N ALA A 266 -19.36 0.64 -1.17
CA ALA A 266 -19.50 2.06 -0.78
C ALA A 266 -20.52 2.27 0.33
N LEU A 267 -21.36 1.28 0.62
CA LEU A 267 -22.52 1.50 1.48
C LEU A 267 -22.01 1.32 2.89
N GLU A 268 -22.22 2.31 3.76
CA GLU A 268 -21.77 2.17 5.15
C GLU A 268 -22.94 1.79 6.07
N HIS A 269 -22.59 1.48 7.34
CA HIS A 269 -23.56 0.78 8.22
C HIS A 269 -23.49 1.29 9.61
N HIS A 270 -23.59 2.59 9.75
CA HIS A 270 -23.71 3.22 11.07
C HIS A 270 -25.00 2.76 11.76
N HIS A 271 -24.84 2.35 13.00
CA HIS A 271 -26.03 1.98 13.77
C HIS A 271 -26.72 3.16 14.43
N HIS A 272 -28.01 2.99 14.46
CA HIS A 272 -28.88 3.96 15.04
C HIS A 272 -28.88 3.84 16.57
N HIS A 273 -29.29 4.95 17.19
CA HIS A 273 -29.61 5.04 18.63
C HIS A 273 -30.97 4.37 18.95
N HIS A 274 -30.97 3.59 20.05
CA HIS A 274 -32.13 2.91 20.58
C HIS A 274 -32.07 2.83 22.13
N ASP B 2 31.39 15.20 4.36
CA ASP B 2 31.24 13.81 3.86
C ASP B 2 30.13 13.01 4.63
N LEU B 3 29.24 13.70 5.35
CA LEU B 3 28.13 13.05 6.09
C LEU B 3 27.18 12.19 5.24
N ALA B 4 26.83 12.64 4.05
CA ALA B 4 26.00 11.86 3.15
C ALA B 4 26.69 10.53 2.76
N ASP B 5 28.02 10.58 2.54
CA ASP B 5 28.73 9.38 2.21
C ASP B 5 28.78 8.44 3.39
N ARG B 6 28.83 8.93 4.62
CA ARG B 6 28.90 8.09 5.81
C ARG B 6 27.55 7.44 6.00
N PHE B 7 26.44 8.18 5.77
CA PHE B 7 25.10 7.55 5.87
C PHE B 7 24.88 6.49 4.80
N ALA B 8 25.38 6.74 3.60
CA ALA B 8 25.23 5.77 2.52
C ALA B 8 25.96 4.50 2.86
N GLU B 9 27.11 4.58 3.55
CA GLU B 9 27.83 3.39 3.91
C GLU B 9 27.04 2.61 4.99
N LEU B 10 26.35 3.30 5.89
CA LEU B 10 25.49 2.58 6.83
C LEU B 10 24.45 1.77 6.10
N GLU B 11 23.84 2.39 5.10
CA GLU B 11 22.81 1.68 4.28
C GLU B 11 23.36 0.44 3.61
N ARG B 12 24.52 0.55 3.05
CA ARG B 12 25.14 -0.59 2.36
C ARG B 12 25.46 -1.68 3.35
N ARG B 13 26.09 -1.35 4.47
CA ARG B 13 26.50 -2.35 5.43
C ARG B 13 25.35 -3.10 6.08
N TYR B 14 24.23 -2.39 6.34
CA TYR B 14 23.08 -3.02 6.99
C TYR B 14 22.02 -3.52 5.97
N ASP B 15 22.29 -3.32 4.66
CA ASP B 15 21.31 -3.65 3.62
C ASP B 15 19.98 -3.04 3.98
N ALA B 16 19.97 -1.73 4.11
CA ALA B 16 18.82 -1.02 4.66
C ALA B 16 18.66 0.31 3.93
N ARG B 17 17.49 0.94 4.10
CA ARG B 17 17.22 2.28 3.72
C ARG B 17 17.07 3.10 5.03
N LEU B 18 17.80 4.19 5.10
CA LEU B 18 17.91 5.04 6.27
C LEU B 18 17.39 6.46 5.95
N GLY B 19 16.61 7.03 6.84
CA GLY B 19 16.18 8.38 6.80
C GLY B 19 16.51 9.13 8.06
N VAL B 20 17.04 10.33 7.92
CA VAL B 20 17.47 11.12 9.06
C VAL B 20 17.06 12.57 8.87
N TYR B 21 16.51 13.18 9.90
CA TYR B 21 16.37 14.64 9.95
C TYR B 21 16.61 15.21 11.32
N VAL B 22 17.40 16.29 11.28
CA VAL B 22 17.59 17.16 12.42
C VAL B 22 17.34 18.59 11.99
N PRO B 23 16.32 19.22 12.57
CA PRO B 23 16.01 20.58 12.14
C PRO B 23 17.18 21.52 12.36
N ALA B 24 17.26 22.54 11.51
CA ALA B 24 18.15 23.67 11.75
C ALA B 24 17.86 24.37 13.08
N THR B 25 18.93 24.93 13.61
CA THR B 25 18.79 25.87 14.73
C THR B 25 19.44 27.16 14.29
N GLY B 26 19.35 28.15 15.17
CA GLY B 26 19.99 29.44 14.91
C GLY B 26 21.46 29.31 14.62
N THR B 27 22.13 28.26 15.10
CA THR B 27 23.55 28.04 14.90
C THR B 27 24.01 26.70 14.25
N THR B 28 23.07 25.85 13.79
CA THR B 28 23.42 24.59 13.14
C THR B 28 22.51 24.43 11.94
N ALA B 29 23.08 23.92 10.86
CA ALA B 29 22.33 23.70 9.65
C ALA B 29 21.46 22.41 9.88
N ALA B 30 20.38 22.28 9.15
CA ALA B 30 19.64 21.00 9.18
C ALA B 30 20.58 19.83 8.76
N ILE B 31 20.35 18.69 9.37
CA ILE B 31 21.00 17.44 8.93
C ILE B 31 19.92 16.62 8.29
N GLU B 32 20.17 16.16 7.10
CA GLU B 32 19.09 15.46 6.36
C GLU B 32 19.68 14.37 5.47
N TYR B 33 19.02 13.25 5.42
CA TYR B 33 19.36 12.15 4.60
C TYR B 33 18.09 11.41 4.28
N ARG B 34 17.67 11.37 3.02
CA ARG B 34 16.35 10.82 2.65
C ARG B 34 15.24 11.44 3.47
N ALA B 35 15.37 12.69 3.85
CA ALA B 35 14.50 13.26 4.83
C ALA B 35 13.07 13.51 4.37
N ASP B 36 12.87 13.56 3.05
CA ASP B 36 11.58 13.73 2.45
C ASP B 36 11.06 12.45 1.82
N GLU B 37 11.72 11.29 2.04
CA GLU B 37 11.16 10.03 1.68
C GLU B 37 10.20 9.56 2.75
N ARG B 38 9.23 8.76 2.35
CA ARG B 38 8.25 8.23 3.24
C ARG B 38 8.74 6.98 3.91
N PHE B 39 8.47 6.83 5.19
CA PHE B 39 8.70 5.65 6.00
C PHE B 39 7.47 5.44 6.88
N ALA B 40 7.12 4.20 7.14
CA ALA B 40 6.02 3.86 8.00
C ALA B 40 6.24 4.50 9.37
N PHE B 41 5.19 5.06 9.97
CA PHE B 41 5.23 5.51 11.35
C PHE B 41 5.65 4.40 12.30
N CYS B 42 5.02 3.25 12.17
CA CYS B 42 4.98 2.30 13.22
C CYS B 42 4.62 3.00 14.50
N SER B 43 5.11 2.57 15.64
CA SER B 43 4.66 3.13 16.90
C SER B 43 5.04 4.61 17.17
N THR B 44 5.83 5.24 16.30
CA THR B 44 6.19 6.61 16.55
C THR B 44 4.99 7.53 16.62
N PHE B 45 3.84 7.13 16.00
CA PHE B 45 2.67 7.98 16.00
C PHE B 45 2.10 8.13 17.38
N LYS B 46 2.44 7.25 18.30
CA LYS B 46 1.83 7.24 19.61
C LYS B 46 2.18 8.51 20.40
N ALA B 47 3.34 9.14 20.11
CA ALA B 47 3.68 10.35 20.79
C ALA B 47 2.81 11.50 20.35
N PRO B 48 2.71 11.83 19.08
CA PRO B 48 1.78 12.88 18.69
C PRO B 48 0.30 12.49 18.98
N LEU B 49 -0.03 11.21 19.06
CA LEU B 49 -1.42 10.82 19.41
C LEU B 49 -1.69 11.26 20.83
N VAL B 50 -0.78 11.00 21.76
CA VAL B 50 -0.98 11.47 23.13
C VAL B 50 -1.12 12.97 23.19
N ALA B 51 -0.26 13.65 22.42
CA ALA B 51 -0.36 15.08 22.34
C ALA B 51 -1.73 15.54 21.86
N ALA B 52 -2.30 14.88 20.88
CA ALA B 52 -3.62 15.27 20.33
C ALA B 52 -4.65 15.15 21.43
N VAL B 53 -4.65 14.05 22.16
CA VAL B 53 -5.65 13.83 23.23
C VAL B 53 -5.42 14.84 24.34
N LEU B 54 -4.21 15.11 24.70
CA LEU B 54 -3.91 16.13 25.73
C LEU B 54 -4.45 17.47 25.26
N HIS B 55 -4.13 17.86 24.04
CA HIS B 55 -4.45 19.17 23.54
C HIS B 55 -5.96 19.48 23.55
N GLN B 56 -6.74 18.50 23.14
CA GLN B 56 -8.15 18.73 22.87
C GLN B 56 -8.99 18.68 24.16
N ASN B 57 -8.48 18.33 25.31
CA ASN B 57 -9.26 18.14 26.52
C ASN B 57 -8.64 18.81 27.69
N PRO B 58 -9.42 19.17 28.74
CA PRO B 58 -8.81 19.58 29.99
C PRO B 58 -8.04 18.51 30.66
N LEU B 59 -7.14 18.82 31.57
CA LEU B 59 -6.44 17.81 32.33
C LEU B 59 -7.37 16.79 33.02
N THR B 60 -8.53 17.23 33.45
CA THR B 60 -9.49 16.34 34.09
C THR B 60 -9.90 15.17 33.23
N HIS B 61 -9.79 15.31 31.90
CA HIS B 61 -10.12 14.20 30.99
C HIS B 61 -9.19 13.02 31.20
N LEU B 62 -8.01 13.23 31.75
CA LEU B 62 -7.08 12.16 32.01
C LEU B 62 -7.62 11.15 33.03
N ASP B 63 -8.57 11.60 33.85
CA ASP B 63 -9.20 10.75 34.87
C ASP B 63 -10.34 9.92 34.34
N LYS B 64 -10.79 10.16 33.13
CA LYS B 64 -11.94 9.49 32.55
C LYS B 64 -11.61 8.02 32.36
N LEU B 65 -12.48 7.09 32.83
CA LEU B 65 -12.28 5.68 32.67
C LEU B 65 -12.77 5.23 31.32
N ILE B 66 -11.91 4.53 30.60
CA ILE B 66 -12.31 3.85 29.37
C ILE B 66 -12.41 2.36 29.63
N THR B 67 -13.57 1.80 29.29
CA THR B 67 -13.79 0.36 29.40
C THR B 67 -13.66 -0.26 28.04
N TYR B 68 -13.21 -1.48 28.02
CA TYR B 68 -12.97 -2.18 26.75
C TYR B 68 -13.03 -3.68 27.03
N THR B 69 -12.85 -4.50 26.02
CA THR B 69 -12.97 -5.96 26.21
C THR B 69 -11.76 -6.65 25.66
N SER B 70 -11.68 -7.96 25.90
CA SER B 70 -10.58 -8.75 25.38
C SER B 70 -10.52 -8.66 23.86
N ASP B 71 -11.67 -8.49 23.23
CA ASP B 71 -11.75 -8.32 21.78
C ASP B 71 -10.93 -7.13 21.26
N ASP B 72 -10.74 -6.13 22.10
CA ASP B 72 -9.89 -4.96 21.74
C ASP B 72 -8.38 -5.20 21.81
N ILE B 73 -7.96 -6.34 22.37
CA ILE B 73 -6.55 -6.69 22.52
C ILE B 73 -6.10 -7.38 21.24
N ARG B 74 -5.68 -6.60 20.28
CA ARG B 74 -5.35 -7.06 18.95
C ARG B 74 -3.86 -6.90 18.61
N SER B 75 -3.06 -6.50 19.57
CA SER B 75 -1.65 -6.16 19.41
C SER B 75 -1.05 -6.28 20.79
N ILE B 76 0.29 -6.32 20.83
CA ILE B 76 0.98 -6.45 22.09
C ILE B 76 0.65 -5.21 22.94
N SER B 77 0.16 -5.56 24.14
CA SER B 77 -0.46 -4.61 25.05
C SER B 77 -0.12 -4.98 26.49
N PRO B 78 1.15 -4.75 26.89
CA PRO B 78 1.62 -5.10 28.21
C PRO B 78 0.78 -4.56 29.35
N VAL B 79 0.26 -3.36 29.23
CA VAL B 79 -0.51 -2.78 30.29
C VAL B 79 -2.01 -3.08 30.10
N ALA B 80 -2.51 -2.86 28.86
CA ALA B 80 -3.95 -3.06 28.66
C ALA B 80 -4.46 -4.48 28.96
N GLN B 81 -3.60 -5.48 28.77
CA GLN B 81 -4.02 -6.86 29.14
C GLN B 81 -4.32 -7.01 30.63
N GLN B 82 -3.72 -6.21 31.48
CA GLN B 82 -3.96 -6.29 32.91
C GLN B 82 -5.31 -5.75 33.35
N HIS B 83 -5.94 -4.87 32.53
CA HIS B 83 -7.03 -4.02 32.99
C HIS B 83 -8.30 -4.23 32.21
N VAL B 84 -8.45 -5.35 31.51
CA VAL B 84 -9.70 -5.61 30.76
C VAL B 84 -10.96 -5.54 31.65
N GLN B 85 -10.91 -6.01 32.89
CA GLN B 85 -12.09 -5.99 33.72
C GLN B 85 -12.51 -4.65 34.34
N THR B 86 -11.53 -3.82 34.60
CA THR B 86 -11.79 -2.58 35.29
C THR B 86 -11.67 -1.32 34.40
N GLY B 87 -11.00 -1.46 33.28
CA GLY B 87 -10.72 -0.29 32.48
C GLY B 87 -9.46 0.40 32.82
N MET B 88 -9.18 1.40 32.00
CA MET B 88 -7.99 2.26 32.18
C MET B 88 -8.42 3.69 31.97
N THR B 89 -7.81 4.59 32.71
CA THR B 89 -8.12 5.98 32.53
C THR B 89 -7.36 6.45 31.26
N ILE B 90 -7.83 7.57 30.75
CA ILE B 90 -7.14 8.23 29.66
C ILE B 90 -5.68 8.50 29.96
N GLY B 91 -5.36 8.93 31.16
CA GLY B 91 -3.99 9.13 31.58
C GLY B 91 -3.19 7.87 31.61
N GLN B 92 -3.77 6.80 32.12
CA GLN B 92 -3.12 5.51 32.15
C GLN B 92 -2.87 5.01 30.70
N LEU B 93 -3.82 5.28 29.79
CA LEU B 93 -3.69 4.87 28.38
C LEU B 93 -2.51 5.64 27.71
N CYS B 94 -2.43 6.95 28.00
CA CYS B 94 -1.29 7.71 27.47
C CYS B 94 0.05 7.22 27.96
N ASP B 95 0.15 6.97 29.27
CA ASP B 95 1.38 6.41 29.87
C ASP B 95 1.79 5.13 29.17
N ALA B 96 0.81 4.22 29.01
CA ALA B 96 1.09 2.95 28.38
C ALA B 96 1.48 3.03 26.92
N ALA B 97 0.77 3.89 26.20
CA ALA B 97 1.00 4.06 24.78
C ALA B 97 2.42 4.53 24.51
N ILE B 98 2.91 5.45 25.37
CA ILE B 98 4.29 5.96 25.19
C ILE B 98 5.33 5.04 25.80
N ARG B 99 5.17 4.75 27.06
CA ARG B 99 6.28 4.12 27.80
C ARG B 99 6.43 2.64 27.50
N TYR B 100 5.33 1.96 27.14
CA TYR B 100 5.37 0.54 26.79
C TYR B 100 4.93 0.28 25.37
N SER B 101 4.74 1.33 24.61
CA SER B 101 4.27 1.18 23.26
C SER B 101 3.01 0.34 23.13
N ASP B 102 2.10 0.46 24.09
CA ASP B 102 0.94 -0.49 24.17
C ASP B 102 0.01 -0.22 23.00
N GLY B 103 -0.28 -1.24 22.22
CA GLY B 103 -1.03 -1.01 20.99
C GLY B 103 -2.52 -0.83 21.25
N THR B 104 -3.06 -1.58 22.23
CA THR B 104 -4.48 -1.40 22.60
C THR B 104 -4.67 0.00 23.19
N ALA B 105 -3.74 0.44 24.04
CA ALA B 105 -3.82 1.79 24.56
C ALA B 105 -3.89 2.83 23.43
N ALA B 106 -3.06 2.63 22.42
CA ALA B 106 -3.05 3.49 21.27
C ALA B 106 -4.42 3.50 20.55
N ASN B 107 -4.93 2.30 20.27
CA ASN B 107 -6.19 2.19 19.56
C ASN B 107 -7.35 2.81 20.38
N LEU B 108 -7.32 2.67 21.68
CA LEU B 108 -8.34 3.31 22.53
C LEU B 108 -8.25 4.83 22.49
N LEU B 109 -7.04 5.35 22.45
CA LEU B 109 -6.85 6.80 22.35
C LEU B 109 -7.27 7.28 21.02
N LEU B 110 -7.00 6.54 19.93
CA LEU B 110 -7.56 6.91 18.64
C LEU B 110 -9.09 7.00 18.65
N ALA B 111 -9.73 6.06 19.33
CA ALA B 111 -11.21 6.10 19.46
C ALA B 111 -11.64 7.25 20.33
N ASP B 112 -10.91 7.59 21.39
CA ASP B 112 -11.24 8.76 22.16
C ASP B 112 -11.14 10.03 21.33
N LEU B 113 -10.17 10.13 20.47
CA LEU B 113 -10.01 11.30 19.61
C LEU B 113 -11.02 11.42 18.53
N GLY B 114 -11.33 10.38 17.80
CA GLY B 114 -12.16 10.43 16.62
C GLY B 114 -13.36 9.57 16.54
N GLY B 115 -13.66 8.85 17.60
CA GLY B 115 -14.72 7.88 17.64
C GLY B 115 -14.35 6.58 16.98
N PRO B 116 -15.27 5.58 17.08
CA PRO B 116 -15.04 4.35 16.35
C PRO B 116 -14.92 4.65 14.84
N GLY B 117 -13.82 4.22 14.23
CA GLY B 117 -13.69 4.45 12.79
C GLY B 117 -13.26 5.82 12.33
N GLY B 118 -13.21 6.82 13.21
CA GLY B 118 -12.76 8.15 12.83
C GLY B 118 -11.41 8.49 13.41
N GLY B 119 -10.82 7.63 14.23
CA GLY B 119 -9.61 8.00 14.93
C GLY B 119 -8.40 8.22 14.09
N THR B 120 -8.18 7.40 13.07
CA THR B 120 -7.03 7.64 12.22
C THR B 120 -7.14 8.94 11.43
N ALA B 121 -8.32 9.30 10.95
CA ALA B 121 -8.50 10.61 10.31
C ALA B 121 -8.29 11.76 11.26
N ALA B 122 -8.79 11.59 12.46
CA ALA B 122 -8.68 12.63 13.48
C ALA B 122 -7.23 12.88 13.90
N PHE B 123 -6.49 11.79 14.04
CA PHE B 123 -5.05 11.90 14.35
C PHE B 123 -4.32 12.58 13.22
N THR B 124 -4.60 12.17 12.02
CA THR B 124 -4.01 12.82 10.86
C THR B 124 -4.32 14.34 10.83
N GLY B 125 -5.54 14.67 11.20
CA GLY B 125 -6.00 16.06 11.33
C GLY B 125 -5.24 16.83 12.34
N TYR B 126 -4.85 16.22 13.43
CA TYR B 126 -4.03 16.91 14.43
C TYR B 126 -2.71 17.26 13.84
N LEU B 127 -2.11 16.33 13.11
CA LEU B 127 -0.89 16.67 12.37
C LEU B 127 -1.09 17.84 11.39
N ARG B 128 -2.21 17.82 10.64
CA ARG B 128 -2.51 18.95 9.72
C ARG B 128 -2.58 20.26 10.47
N SER B 129 -3.09 20.23 11.69
CA SER B 129 -3.20 21.49 12.46
C SER B 129 -1.85 22.02 12.84
N LEU B 130 -0.84 21.16 12.88
CA LEU B 130 0.56 21.53 13.14
C LEU B 130 1.33 21.82 11.89
N GLY B 131 0.67 21.92 10.74
CA GLY B 131 1.35 22.20 9.52
C GLY B 131 2.00 21.07 8.76
N ASP B 132 1.75 19.83 9.23
CA ASP B 132 2.21 18.65 8.50
C ASP B 132 1.15 18.23 7.48
N THR B 133 1.42 18.45 6.22
CA THR B 133 0.47 18.09 5.15
C THR B 133 0.88 16.80 4.48
N VAL B 134 1.92 16.17 4.98
CA VAL B 134 2.54 15.02 4.36
C VAL B 134 2.13 13.70 5.02
N SER B 135 2.21 13.64 6.31
CA SER B 135 1.97 12.40 7.01
C SER B 135 0.56 11.90 6.90
N ARG B 136 0.33 10.62 7.00
CA ARG B 136 -1.03 10.10 7.04
C ARG B 136 -1.09 8.85 7.90
N LEU B 137 -2.13 8.70 8.65
CA LEU B 137 -2.47 7.45 9.37
C LEU B 137 -3.78 6.94 8.79
N ASP B 138 -3.78 5.64 8.45
CA ASP B 138 -4.91 4.99 7.74
C ASP B 138 -5.45 3.84 8.44
N ALA B 139 -4.65 3.13 9.19
CA ALA B 139 -5.01 1.91 9.93
C ALA B 139 -4.66 2.08 11.41
N GLU B 140 -5.24 1.26 12.26
CA GLU B 140 -4.91 1.12 13.64
C GLU B 140 -3.92 0.03 13.91
N GLU B 141 -3.57 -0.20 15.17
CA GLU B 141 -2.66 -1.31 15.52
C GLU B 141 -3.40 -2.61 15.40
N PRO B 142 -2.79 -3.66 14.87
CA PRO B 142 -1.41 -3.74 14.36
C PRO B 142 -1.23 -3.54 12.86
N GLU B 143 -2.34 -3.35 12.15
CA GLU B 143 -2.31 -3.27 10.71
C GLU B 143 -1.44 -2.14 10.16
N LEU B 144 -1.28 -1.04 10.95
CA LEU B 144 -0.45 0.07 10.45
C LEU B 144 1.03 -0.28 10.28
N ASN B 145 1.46 -1.42 10.83
CA ASN B 145 2.87 -1.89 10.69
C ASN B 145 3.14 -2.66 9.45
N ARG B 146 2.09 -2.99 8.71
CA ARG B 146 2.12 -4.07 7.71
C ARG B 146 1.97 -3.65 6.27
N ASP B 147 1.91 -2.36 5.94
CA ASP B 147 1.73 -1.97 4.55
C ASP B 147 2.96 -2.33 3.76
N PRO B 148 2.85 -2.65 2.48
CA PRO B 148 4.11 -3.00 1.77
C PRO B 148 5.02 -1.77 1.62
N PRO B 149 6.32 -2.02 1.41
CA PRO B 149 7.22 -0.97 1.02
C PRO B 149 6.62 -0.14 -0.10
N GLY B 150 6.69 1.19 -0.07
CA GLY B 150 6.14 2.05 -1.08
C GLY B 150 4.72 2.50 -0.90
N ASP B 151 3.91 1.77 -0.15
CA ASP B 151 2.52 2.20 0.07
C ASP B 151 2.61 3.47 0.88
N GLU B 152 1.90 4.51 0.53
CA GLU B 152 1.90 5.75 1.30
C GLU B 152 1.09 5.72 2.54
N ARG B 153 0.18 4.74 2.70
CA ARG B 153 -0.62 4.68 3.88
C ARG B 153 0.28 4.52 5.12
N ASP B 154 -0.17 5.10 6.19
CA ASP B 154 0.51 4.94 7.48
C ASP B 154 1.98 5.42 7.47
N THR B 155 2.29 6.41 6.67
CA THR B 155 3.65 6.94 6.54
C THR B 155 3.80 8.39 6.92
N THR B 156 5.04 8.68 7.35
CA THR B 156 5.48 10.05 7.57
C THR B 156 6.79 10.18 6.85
N THR B 157 7.51 11.28 7.04
CA THR B 157 8.86 11.44 6.59
C THR B 157 9.69 11.90 7.77
N PRO B 158 11.00 11.64 7.73
CA PRO B 158 11.84 12.17 8.84
C PRO B 158 11.70 13.65 9.03
N HIS B 159 11.61 14.38 7.93
CA HIS B 159 11.43 15.84 8.02
C HIS B 159 10.12 16.23 8.69
N ALA B 160 9.04 15.60 8.25
CA ALA B 160 7.71 15.98 8.75
C ALA B 160 7.57 15.62 10.23
N ILE B 161 7.93 14.40 10.63
CA ILE B 161 7.77 14.03 12.04
C ILE B 161 8.70 14.83 12.95
N ALA B 162 9.88 15.17 12.48
CA ALA B 162 10.77 16.01 13.29
C ALA B 162 10.13 17.35 13.57
N LEU B 163 9.59 17.96 12.53
CA LEU B 163 8.96 19.31 12.73
C LEU B 163 7.73 19.24 13.66
N VAL B 164 6.97 18.13 13.61
CA VAL B 164 5.89 17.96 14.55
C VAL B 164 6.40 17.79 15.95
N LEU B 165 7.38 16.94 16.13
CA LEU B 165 7.91 16.69 17.51
C LEU B 165 8.53 17.96 18.10
N GLN B 166 9.21 18.72 17.27
CA GLN B 166 9.75 20.00 17.65
C GLN B 166 8.68 20.93 18.20
N GLN B 167 7.57 21.05 17.52
CA GLN B 167 6.48 21.90 18.03
C GLN B 167 5.93 21.35 19.34
N LEU B 168 5.80 20.04 19.45
CA LEU B 168 5.22 19.43 20.65
C LEU B 168 6.06 19.64 21.89
N VAL B 169 7.36 19.47 21.73
CA VAL B 169 8.28 19.44 22.91
C VAL B 169 8.99 20.75 23.10
N LEU B 170 9.42 21.36 22.04
CA LEU B 170 10.21 22.58 22.13
C LEU B 170 9.43 23.80 21.80
N GLY B 171 8.29 23.72 21.14
CA GLY B 171 7.44 24.87 20.80
C GLY B 171 6.24 24.99 21.74
N ASN B 172 5.25 25.72 21.22
CA ASN B 172 4.07 26.03 22.00
C ASN B 172 2.83 25.29 21.53
N ALA B 173 2.99 24.09 20.95
CA ALA B 173 1.80 23.30 20.59
C ALA B 173 0.99 22.88 21.76
N LEU B 174 1.57 22.70 22.94
CA LEU B 174 0.89 22.30 24.14
C LEU B 174 1.20 23.33 25.24
N PRO B 175 0.24 23.65 26.09
CA PRO B 175 0.57 24.45 27.27
C PRO B 175 1.51 23.71 28.20
N PRO B 176 2.23 24.44 29.05
CA PRO B 176 3.26 23.83 29.83
C PRO B 176 2.89 22.59 30.65
N ASP B 177 1.73 22.58 31.26
CA ASP B 177 1.39 21.44 32.12
C ASP B 177 1.20 20.14 31.28
N LYS B 178 0.54 20.29 30.14
CA LYS B 178 0.33 19.17 29.22
C LYS B 178 1.65 18.73 28.56
N ARG B 179 2.43 19.70 28.14
CA ARG B 179 3.76 19.44 27.58
C ARG B 179 4.61 18.66 28.59
N ALA B 180 4.58 19.00 29.86
CA ALA B 180 5.35 18.32 30.84
C ALA B 180 4.92 16.85 30.99
N LEU B 181 3.65 16.57 30.84
CA LEU B 181 3.19 15.18 30.90
C LEU B 181 3.74 14.39 29.73
N LEU B 182 3.64 14.94 28.53
CA LEU B 182 4.13 14.28 27.31
C LEU B 182 5.66 14.02 27.48
N THR B 183 6.40 15.05 27.92
CA THR B 183 7.82 14.99 28.02
C THR B 183 8.22 13.97 29.11
N ASP B 184 7.51 13.90 30.23
CA ASP B 184 7.82 12.93 31.28
C ASP B 184 7.60 11.47 30.84
N TRP B 185 6.53 11.24 30.10
CA TRP B 185 6.27 9.89 29.59
C TRP B 185 7.37 9.50 28.61
N MET B 186 7.74 10.38 27.69
CA MET B 186 8.82 10.10 26.75
C MET B 186 10.16 9.93 27.47
N ALA B 187 10.44 10.69 28.48
CA ALA B 187 11.69 10.53 29.25
C ALA B 187 11.77 9.22 29.95
N ARG B 188 10.65 8.67 30.38
CA ARG B 188 10.58 7.40 31.13
C ARG B 188 10.24 6.22 30.19
N ASN B 189 10.40 6.41 28.87
CA ASN B 189 10.14 5.35 27.91
C ASN B 189 11.00 4.17 28.22
N THR B 190 10.43 2.96 28.09
CA THR B 190 11.19 1.72 28.37
C THR B 190 11.75 1.04 27.12
N THR B 191 11.50 1.55 25.91
CA THR B 191 11.77 0.79 24.66
C THR B 191 12.93 1.32 23.83
N GLY B 192 13.58 2.43 24.17
CA GLY B 192 14.48 3.13 23.26
C GLY B 192 15.98 3.14 23.53
N ALA B 193 16.40 2.33 24.50
CA ALA B 193 17.80 2.40 24.93
C ALA B 193 18.87 2.08 23.87
N LYS B 194 18.49 1.27 22.89
CA LYS B 194 19.41 0.80 21.89
C LYS B 194 19.33 1.60 20.59
N ARG B 195 18.65 2.77 20.59
CA ARG B 195 18.41 3.53 19.39
C ARG B 195 19.05 4.90 19.52
N ILE B 196 18.30 6.03 19.39
CA ILE B 196 18.98 7.32 19.49
C ILE B 196 19.79 7.48 20.82
N ARG B 197 19.22 7.00 21.93
CA ARG B 197 19.90 7.05 23.24
C ARG B 197 21.34 6.54 23.15
N ALA B 198 21.52 5.44 22.43
CA ALA B 198 22.81 4.80 22.35
C ALA B 198 23.80 5.57 21.57
N GLY B 199 23.41 6.53 20.76
CA GLY B 199 24.30 7.37 20.00
C GLY B 199 24.78 8.64 20.64
N PHE B 200 24.12 9.02 21.75
CA PHE B 200 24.39 10.26 22.45
C PHE B 200 25.17 9.98 23.74
N PRO B 201 26.15 10.82 24.05
CA PRO B 201 26.83 10.67 25.28
C PRO B 201 25.89 10.78 26.44
N ALA B 202 26.19 10.14 27.58
CA ALA B 202 25.29 10.01 28.72
C ALA B 202 24.88 11.34 29.36
N ASP B 203 25.68 12.34 29.20
CA ASP B 203 25.36 13.68 29.75
C ASP B 203 24.49 14.51 28.85
N TRP B 204 24.05 13.95 27.71
CA TRP B 204 22.96 14.54 26.93
C TRP B 204 21.70 13.91 27.36
N LYS B 205 20.64 14.68 27.59
CA LYS B 205 19.34 14.18 27.93
C LYS B 205 18.67 13.77 26.62
N VAL B 206 18.02 12.57 26.67
CA VAL B 206 17.28 12.07 25.52
C VAL B 206 15.93 11.66 25.94
N ILE B 207 14.91 12.10 25.21
CA ILE B 207 13.59 11.54 25.39
C ILE B 207 13.15 11.06 24.00
N ASP B 208 12.40 9.94 23.97
CA ASP B 208 12.11 9.36 22.66
C ASP B 208 10.85 8.56 22.60
N LYS B 209 10.45 8.22 21.37
CA LYS B 209 9.43 7.21 21.10
C LYS B 209 9.92 6.39 19.91
N THR B 210 9.96 5.09 20.11
CA THR B 210 10.39 4.15 19.07
C THR B 210 9.23 3.73 18.19
N GLY B 211 9.58 3.08 17.09
CA GLY B 211 8.62 2.31 16.31
C GLY B 211 9.30 1.19 15.61
N THR B 212 8.58 0.05 15.62
CA THR B 212 9.12 -1.15 14.93
C THR B 212 7.99 -1.82 14.16
N GLY B 213 8.29 -2.34 12.97
CA GLY B 213 7.22 -2.92 12.15
C GLY B 213 7.77 -3.97 11.22
N ASP B 214 6.93 -4.41 10.31
CA ASP B 214 7.36 -5.48 9.42
C ASP B 214 8.25 -4.92 8.34
N TYR B 215 8.81 -5.79 7.51
CA TYR B 215 9.81 -5.39 6.50
C TYR B 215 11.06 -4.74 7.16
N GLY B 216 11.36 -5.19 8.36
CA GLY B 216 12.53 -4.75 9.09
C GLY B 216 12.51 -3.30 9.47
N ARG B 217 11.31 -2.74 9.68
CA ARG B 217 11.16 -1.32 10.03
C ARG B 217 11.60 -1.07 11.47
N ALA B 218 12.46 -0.09 11.62
CA ALA B 218 12.89 0.36 12.95
C ALA B 218 13.10 1.88 12.87
N ASN B 219 12.39 2.59 13.77
CA ASN B 219 12.42 4.08 13.84
C ASN B 219 12.66 4.51 15.28
N ASP B 220 13.11 5.75 15.42
CA ASP B 220 13.12 6.43 16.69
C ASP B 220 13.01 7.90 16.48
N ILE B 221 12.17 8.57 17.30
CA ILE B 221 12.09 10.02 17.28
C ILE B 221 12.40 10.54 18.65
N ALA B 222 13.26 11.59 18.68
CA ALA B 222 13.74 12.05 19.99
C ALA B 222 13.90 13.53 20.02
N VAL B 223 13.89 14.02 21.26
CA VAL B 223 14.43 15.36 21.53
C VAL B 223 15.61 15.12 22.46
N VAL B 224 16.66 15.83 22.15
CA VAL B 224 17.89 15.71 22.96
C VAL B 224 18.25 17.11 23.46
N TRP B 225 18.96 17.15 24.58
CA TRP B 225 19.49 18.43 25.11
C TRP B 225 20.97 18.25 25.43
N SER B 226 21.77 19.19 24.99
CA SER B 226 23.17 19.22 25.33
C SER B 226 23.31 19.34 26.83
N PRO B 227 24.63 19.13 27.34
CA PRO B 227 24.83 19.29 28.79
C PRO B 227 24.50 20.71 29.31
N THR B 228 24.45 21.67 28.45
CA THR B 228 24.13 23.05 28.91
C THR B 228 22.69 23.44 28.50
N GLY B 229 21.91 22.50 28.01
CA GLY B 229 20.47 22.69 27.84
C GLY B 229 20.11 23.10 26.43
N VAL B 230 21.00 22.99 25.44
CA VAL B 230 20.68 23.37 24.09
C VAL B 230 19.93 22.20 23.38
N PRO B 231 18.70 22.42 22.93
CA PRO B 231 17.85 21.29 22.41
C PRO B 231 17.99 21.11 20.91
N TYR B 232 17.84 19.84 20.52
CA TYR B 232 17.75 19.45 19.13
C TYR B 232 16.68 18.33 19.01
N VAL B 233 16.11 18.20 17.82
CA VAL B 233 15.21 17.09 17.49
C VAL B 233 15.94 16.18 16.50
N VAL B 234 15.78 14.88 16.76
CA VAL B 234 16.39 13.89 15.95
C VAL B 234 15.35 12.84 15.54
N ALA B 235 15.14 12.68 14.23
CA ALA B 235 14.33 11.62 13.68
C ALA B 235 15.15 10.67 12.85
N VAL B 236 15.11 9.36 13.17
CA VAL B 236 15.81 8.36 12.42
CA VAL B 236 15.82 8.35 12.40
C VAL B 236 14.80 7.26 12.10
N MET B 237 14.75 6.92 10.82
CA MET B 237 13.80 5.92 10.31
C MET B 237 14.54 4.93 9.44
N SER B 238 14.09 3.68 9.42
CA SER B 238 14.82 2.68 8.63
C SER B 238 13.86 1.57 8.25
N ASP B 239 14.20 0.93 7.10
CA ASP B 239 13.57 -0.33 6.77
C ASP B 239 14.54 -1.20 5.98
N ARG B 240 14.18 -2.48 5.87
CA ARG B 240 15.05 -3.52 5.23
C ARG B 240 14.14 -4.35 4.32
N ALA B 241 13.54 -3.70 3.32
CA ALA B 241 12.57 -4.42 2.48
C ALA B 241 13.11 -5.66 1.75
N GLY B 242 14.41 -5.70 1.40
CA GLY B 242 15.04 -6.82 0.74
C GLY B 242 14.81 -8.17 1.43
N GLY B 243 14.69 -8.19 2.76
CA GLY B 243 14.45 -9.43 3.47
C GLY B 243 13.02 -9.85 3.54
N GLY B 244 12.12 -9.10 2.94
CA GLY B 244 10.70 -9.45 2.91
C GLY B 244 10.00 -9.10 4.20
N TYR B 245 8.80 -9.62 4.38
CA TYR B 245 7.92 -9.20 5.44
C TYR B 245 8.57 -9.42 6.81
N ASP B 246 9.31 -10.50 6.98
CA ASP B 246 9.96 -10.83 8.27
C ASP B 246 11.43 -10.50 8.24
N ALA B 247 11.78 -9.47 7.47
CA ALA B 247 13.18 -8.95 7.54
C ALA B 247 13.59 -8.59 8.93
N GLU B 248 14.85 -8.77 9.24
CA GLU B 248 15.40 -8.39 10.57
C GLU B 248 15.49 -6.89 10.73
N PRO B 249 14.86 -6.29 11.72
CA PRO B 249 15.19 -4.83 11.97
C PRO B 249 16.55 -4.73 12.54
N ARG B 250 17.17 -3.57 12.40
CA ARG B 250 18.54 -3.33 12.92
C ARG B 250 18.59 -2.08 13.74
N GLU B 251 18.38 -2.24 15.08
CA GLU B 251 18.54 -1.13 16.01
C GLU B 251 19.87 -0.48 15.91
N ALA B 252 20.92 -1.29 15.70
CA ALA B 252 22.28 -0.73 15.65
C ALA B 252 22.49 0.23 14.53
N LEU B 253 21.72 0.11 13.42
CA LEU B 253 21.77 1.08 12.37
C LEU B 253 21.29 2.48 12.89
N LEU B 254 20.23 2.48 13.69
CA LEU B 254 19.72 3.70 14.28
C LEU B 254 20.74 4.31 15.28
N ALA B 255 21.36 3.45 16.10
CA ALA B 255 22.41 3.92 17.02
C ALA B 255 23.52 4.55 16.24
N GLU B 256 23.98 3.93 15.16
CA GLU B 256 25.04 4.51 14.41
C GLU B 256 24.66 5.82 13.76
N ALA B 257 23.45 5.90 13.15
CA ALA B 257 23.04 7.17 12.55
C ALA B 257 22.99 8.28 13.64
N ALA B 258 22.47 7.91 14.81
CA ALA B 258 22.43 8.88 15.94
C ALA B 258 23.83 9.29 16.38
N THR B 259 24.76 8.36 16.33
CA THR B 259 26.13 8.70 16.71
C THR B 259 26.71 9.68 15.75
N CYS B 260 26.44 9.51 14.47
CA CYS B 260 26.89 10.45 13.43
C CYS B 260 26.34 11.87 13.72
N VAL B 261 25.04 11.91 14.00
CA VAL B 261 24.40 13.16 14.37
C VAL B 261 25.05 13.78 15.58
N ALA B 262 25.16 13.00 16.63
CA ALA B 262 25.75 13.50 17.91
C ALA B 262 27.12 14.03 17.70
N GLY B 263 27.93 13.39 16.88
CA GLY B 263 29.27 13.86 16.53
C GLY B 263 29.19 15.26 16.01
N VAL B 264 28.32 15.57 15.05
CA VAL B 264 28.20 16.91 14.50
C VAL B 264 27.69 17.90 15.58
N LEU B 265 26.70 17.50 16.36
CA LEU B 265 26.05 18.44 17.27
C LEU B 265 26.97 18.72 18.45
N ALA B 266 27.77 17.76 18.96
CA ALA B 266 28.65 17.96 20.15
C ALA B 266 30.01 18.52 19.78
#